data_5UWY
#
_entry.id   5UWY
#
_cell.length_a   62.669
_cell.length_b   126.447
_cell.length_c   129.598
_cell.angle_alpha   90.00
_cell.angle_beta   90.00
_cell.angle_gamma   90.00
#
_symmetry.space_group_name_H-M   'C 2 2 21'
#
loop_
_entity.id
_entity.type
_entity.pdbx_description
1 polymer 'Thioredoxin reductase'
2 non-polymer 'FLAVIN-ADENINE DINUCLEOTIDE'
3 non-polymer 'PHOSPHATE ION'
4 water water
#
_entity_poly.entity_id   1
_entity_poly.type   'polypeptide(L)'
_entity_poly.pdbx_seq_one_letter_code
;SNA(MSE)YDTLIIGSGPAG(MSE)TAALYAARSNLSVAIIEQGAPGGQ(MSE)NNTFDIENYPGYDHISGPELA(MSE)
K(MSE)YEPLEKFNVENIYGIVQKIENFGDYKCVLTEDASYEAKTVIIATGAKYRVLGVPGEEYYTSRGVSYCAVCDGAF
FRDQDLLVVGGGDSAVEEAIYLTQFAKKVTVVHRRDQLRAQKILQDRAFANDKVDFIWDSVVKEIQGNDIKVSNVLIENV
KTGQVTDHAFGGVFIYVG(MSE)NPVTG(MSE)VKDLEITDSEGWIITDDH(MSE)RTSIPGIFAIGDVRQKDLRQITTA
VGDGAIAGQGVYHYLESFSS
;
_entity_poly.pdbx_strand_id   A
#
# COMPACT_ATOMS: atom_id res chain seq x y z
N SER A 1 17.89 25.65 10.52
CA SER A 1 17.37 24.35 10.13
C SER A 1 15.86 24.40 9.90
N ASN A 2 15.18 25.23 10.69
CA ASN A 2 13.76 25.47 10.44
C ASN A 2 13.57 26.17 9.09
N ALA A 3 14.45 27.10 8.75
CA ALA A 3 14.40 27.78 7.46
C ALA A 3 14.88 26.90 6.32
N TYR A 5 15.71 22.56 6.09
CA TYR A 5 15.95 21.29 6.74
C TYR A 5 17.04 20.51 6.02
N ASP A 6 17.73 19.65 6.77
CA ASP A 6 18.56 18.65 6.13
C ASP A 6 17.71 17.69 5.31
N THR A 7 16.57 17.28 5.86
CA THR A 7 15.69 16.34 5.17
C THR A 7 14.24 16.62 5.50
N LEU A 8 13.41 16.67 4.46
CA LEU A 8 11.97 16.61 4.66
C LEU A 8 11.47 15.31 4.05
N ILE A 9 10.61 14.62 4.79
CA ILE A 9 10.05 13.34 4.37
C ILE A 9 8.55 13.52 4.16
N ILE A 10 8.10 13.29 2.94
CA ILE A 10 6.68 13.40 2.58
C ILE A 10 6.04 12.04 2.87
N GLY A 11 5.29 11.96 3.97
CA GLY A 11 4.62 10.73 4.33
C GLY A 11 5.08 10.14 5.64
N SER A 12 4.14 9.58 6.41
CA SER A 12 4.42 8.99 7.71
C SER A 12 3.90 7.56 7.78
N GLY A 13 4.35 6.73 6.84
CA GLY A 13 4.13 5.30 6.94
C GLY A 13 5.37 4.65 7.54
N PRO A 14 5.47 3.32 7.42
CA PRO A 14 6.69 2.65 7.89
C PRO A 14 7.94 3.17 7.22
N ALA A 15 7.87 3.39 5.90
CA ALA A 15 9.03 3.87 5.15
C ALA A 15 9.46 5.25 5.64
N GLY A 16 8.55 6.22 5.59
CA GLY A 16 8.90 7.57 6.00
C GLY A 16 9.43 7.64 7.41
N THR A 18 10.90 5.20 9.15
CA THR A 18 12.22 4.59 9.25
C THR A 18 13.30 5.52 8.70
N ALA A 19 13.03 6.16 7.56
CA ALA A 19 13.95 7.15 7.03
C ALA A 19 14.17 8.28 8.02
N ALA A 20 13.11 8.70 8.71
CA ALA A 20 13.24 9.75 9.72
C ALA A 20 14.08 9.27 10.89
N LEU A 21 13.88 8.01 11.30
CA LEU A 21 14.66 7.45 12.40
C LEU A 21 16.15 7.45 12.07
N TYR A 22 16.51 6.90 10.92
CA TYR A 22 17.92 6.82 10.56
C TYR A 22 18.52 8.20 10.33
N ALA A 23 17.82 9.04 9.56
CA ALA A 23 18.35 10.37 9.23
C ALA A 23 18.55 11.21 10.49
N ALA A 24 17.54 11.24 11.36
CA ALA A 24 17.64 12.03 12.58
C ALA A 24 18.69 11.45 13.52
N ARG A 25 18.75 10.13 13.64
CA ARG A 25 19.75 9.50 14.49
C ARG A 25 21.16 9.88 14.06
N SER A 26 21.37 10.19 12.78
CA SER A 26 22.64 10.67 12.28
C SER A 26 22.85 12.17 12.53
N ASN A 27 22.02 12.78 13.37
CA ASN A 27 22.16 14.19 13.77
C ASN A 27 21.95 15.12 12.58
N LEU A 28 20.78 14.98 11.96
CA LEU A 28 20.38 15.83 10.85
C LEU A 28 19.00 16.43 11.13
N SER A 29 18.76 17.60 10.56
CA SER A 29 17.46 18.27 10.69
C SER A 29 16.43 17.52 9.86
N VAL A 30 15.46 16.90 10.52
CA VAL A 30 14.49 16.04 9.87
C VAL A 30 13.08 16.50 10.23
N ALA A 31 12.24 16.65 9.21
CA ALA A 31 10.83 16.89 9.48
C ALA A 31 9.99 16.03 8.55
N ILE A 32 8.88 15.52 9.07
CA ILE A 32 7.93 14.74 8.27
C ILE A 32 6.69 15.59 8.03
N ILE A 33 6.31 15.77 6.77
CA ILE A 33 5.04 16.40 6.44
C ILE A 33 4.01 15.29 6.26
N GLU A 34 3.00 15.26 7.14
CA GLU A 34 2.00 14.20 7.09
C GLU A 34 0.60 14.77 7.08
N GLN A 35 -0.20 14.28 6.14
CA GLN A 35 -1.64 14.58 6.07
C GLN A 35 -2.36 13.54 6.93
N GLY A 36 -2.61 13.89 8.19
CA GLY A 36 -3.38 13.04 9.07
C GLY A 36 -2.59 12.17 10.02
N ALA A 37 -3.12 10.96 10.28
CA ALA A 37 -2.63 10.08 11.32
C ALA A 37 -1.30 9.43 10.92
N PRO A 38 -0.32 9.40 11.83
CA PRO A 38 0.94 8.70 11.54
C PRO A 38 0.71 7.19 11.46
N GLY A 39 1.03 6.61 10.31
CA GLY A 39 0.85 5.19 10.12
C GLY A 39 0.46 4.81 8.69
N GLY A 40 -0.21 5.71 7.99
CA GLY A 40 -0.57 5.44 6.61
C GLY A 40 -1.57 4.30 6.50
N GLN A 41 -1.38 3.46 5.46
CA GLN A 41 -2.25 2.31 5.23
C GLN A 41 -2.29 1.35 6.40
N ASN A 43 -3.07 1.95 9.56
CA ASN A 43 -4.16 2.26 10.47
C ASN A 43 -5.46 1.58 10.02
N ASN A 44 -5.42 0.91 8.87
CA ASN A 44 -6.57 0.19 8.33
C ASN A 44 -6.44 -1.32 8.46
N THR A 45 -5.38 -1.81 9.10
CA THR A 45 -5.11 -3.24 9.17
C THR A 45 -5.41 -3.75 10.58
N PHE A 46 -6.23 -4.81 10.66
CA PHE A 46 -6.63 -5.41 11.92
C PHE A 46 -5.43 -5.99 12.66
N ASP A 47 -4.83 -7.03 12.08
CA ASP A 47 -3.73 -7.75 12.70
C ASP A 47 -2.60 -7.91 11.69
N ILE A 48 -1.37 -7.85 12.19
CA ILE A 48 -0.17 -8.00 11.37
C ILE A 48 0.74 -9.03 12.02
N GLU A 49 1.04 -10.11 11.28
CA GLU A 49 1.83 -11.20 11.82
C GLU A 49 3.05 -11.52 10.96
N ASN A 50 3.44 -10.61 10.06
CA ASN A 50 4.64 -10.82 9.25
C ASN A 50 5.64 -9.67 9.40
N TYR A 51 5.58 -8.94 10.51
CA TYR A 51 6.64 -7.99 10.85
C TYR A 51 7.54 -8.62 11.88
N PRO A 52 8.82 -8.88 11.56
CA PRO A 52 9.71 -9.55 12.51
C PRO A 52 9.83 -8.79 13.81
N GLY A 53 10.00 -9.55 14.89
CA GLY A 53 10.05 -8.98 16.22
C GLY A 53 8.71 -8.78 16.89
N TYR A 54 7.62 -9.14 16.22
CA TYR A 54 6.28 -8.99 16.78
C TYR A 54 5.44 -10.18 16.31
N ASP A 55 5.07 -11.05 17.26
CA ASP A 55 4.24 -12.20 16.92
C ASP A 55 2.92 -11.75 16.30
N HIS A 56 2.18 -10.91 17.01
CA HIS A 56 0.96 -10.31 16.47
C HIS A 56 0.81 -8.92 17.06
N ILE A 57 0.32 -8.00 16.23
CA ILE A 57 0.19 -6.60 16.61
C ILE A 57 -0.74 -5.94 15.60
N SER A 58 -1.44 -4.91 16.03
CA SER A 58 -2.38 -4.20 15.17
C SER A 58 -1.70 -3.00 14.53
N GLY A 59 -2.31 -2.53 13.44
CA GLY A 59 -1.80 -1.41 12.69
C GLY A 59 -1.50 -0.18 13.53
N PRO A 60 -2.50 0.33 14.25
CA PRO A 60 -2.28 1.54 15.05
C PRO A 60 -1.21 1.41 16.12
N GLU A 61 -1.19 0.32 16.89
CA GLU A 61 -0.21 0.23 17.96
C GLU A 61 1.20 0.03 17.43
N LEU A 62 1.35 -0.61 16.27
CA LEU A 62 2.68 -0.71 15.66
C LEU A 62 3.09 0.63 15.08
N ALA A 63 2.13 1.37 14.49
CA ALA A 63 2.43 2.71 14.00
C ALA A 63 2.92 3.62 15.12
N LYS A 65 4.20 2.57 18.03
CA LYS A 65 5.46 2.03 18.50
C LYS A 65 6.61 2.37 17.56
N TYR A 67 6.44 5.43 15.92
CA TYR A 67 6.44 6.89 15.91
C TYR A 67 7.11 7.43 17.18
N GLU A 68 6.75 6.91 18.35
CA GLU A 68 7.24 7.47 19.60
C GLU A 68 8.76 7.53 19.71
N PRO A 69 9.54 6.55 19.20
CA PRO A 69 11.00 6.71 19.28
C PRO A 69 11.56 7.85 18.44
N LEU A 70 10.69 8.53 17.67
CA LEU A 70 11.18 9.63 16.84
C LEU A 70 11.33 10.92 17.64
N GLU A 71 10.42 11.17 18.59
CA GLU A 71 10.51 12.38 19.41
C GLU A 71 11.85 12.45 20.14
N LYS A 72 12.35 11.31 20.60
CA LYS A 72 13.66 11.26 21.23
C LYS A 72 14.76 11.79 20.30
N PHE A 73 14.60 11.63 18.99
CA PHE A 73 15.62 12.02 18.02
C PHE A 73 15.31 13.33 17.31
N ASN A 74 14.40 14.15 17.84
CA ASN A 74 14.14 15.51 17.35
C ASN A 74 13.54 15.54 15.95
N VAL A 75 12.78 14.52 15.59
CA VAL A 75 12.06 14.56 14.33
C VAL A 75 10.89 15.52 14.49
N GLU A 76 10.86 16.57 13.67
CA GLU A 76 9.76 17.52 13.78
C GLU A 76 8.60 17.09 12.88
N ASN A 77 7.41 16.96 13.47
CA ASN A 77 6.23 16.50 12.76
C ASN A 77 5.39 17.70 12.35
N ILE A 78 5.11 17.81 11.05
CA ILE A 78 4.43 18.95 10.46
C ILE A 78 3.22 18.44 9.71
N TYR A 79 2.03 18.93 10.08
CA TYR A 79 0.84 18.62 9.32
C TYR A 79 0.85 19.41 8.01
N GLY A 80 0.46 18.74 6.93
CA GLY A 80 0.34 19.38 5.64
C GLY A 80 0.01 18.40 4.53
N ILE A 81 -0.58 18.90 3.45
CA ILE A 81 -0.86 18.10 2.27
C ILE A 81 -0.05 18.69 1.12
N VAL A 82 1.01 17.99 0.72
CA VAL A 82 1.97 18.52 -0.23
C VAL A 82 1.33 18.58 -1.62
N GLN A 83 1.36 19.77 -2.23
CA GLN A 83 0.84 19.96 -3.57
C GLN A 83 1.92 19.94 -4.64
N LYS A 84 3.13 20.39 -4.30
CA LYS A 84 4.19 20.46 -5.30
C LYS A 84 5.54 20.41 -4.58
N ILE A 85 6.50 19.75 -5.21
CA ILE A 85 7.90 19.73 -4.76
C ILE A 85 8.74 20.17 -5.96
N GLU A 86 9.44 21.29 -5.83
CA GLU A 86 10.24 21.78 -6.94
C GLU A 86 11.73 21.79 -6.59
N ASN A 87 12.54 21.56 -7.62
CA ASN A 87 13.97 21.36 -7.47
C ASN A 87 14.72 22.64 -7.87
N PHE A 88 15.76 22.96 -7.12
CA PHE A 88 16.61 24.11 -7.42
C PHE A 88 18.09 23.73 -7.39
N GLY A 89 18.40 22.44 -7.54
CA GLY A 89 19.79 22.00 -7.48
C GLY A 89 20.30 21.85 -6.07
N ASP A 90 20.93 22.90 -5.54
CA ASP A 90 21.43 22.88 -4.17
C ASP A 90 20.32 22.82 -3.13
N TYR A 91 19.07 23.07 -3.51
CA TYR A 91 17.97 23.06 -2.55
C TYR A 91 16.66 22.76 -3.25
N LYS A 92 15.68 22.34 -2.46
CA LYS A 92 14.36 21.99 -2.96
C LYS A 92 13.29 22.62 -2.08
N CYS A 93 12.13 22.89 -2.69
N CYS A 93 12.13 22.89 -2.69
CA CYS A 93 10.99 23.48 -2.00
CA CYS A 93 10.98 23.48 -2.01
C CYS A 93 9.83 22.49 -1.99
C CYS A 93 9.83 22.48 -1.99
N VAL A 94 9.08 22.49 -0.89
CA VAL A 94 7.92 21.63 -0.70
C VAL A 94 6.77 22.53 -0.28
N LEU A 95 5.69 22.56 -1.05
CA LEU A 95 4.61 23.52 -0.87
C LEU A 95 3.38 22.85 -0.27
N THR A 96 2.87 23.43 0.82
CA THR A 96 1.62 23.07 1.47
C THR A 96 0.47 23.80 0.78
N GLU A 97 -0.75 23.59 1.29
CA GLU A 97 -1.88 24.42 0.89
C GLU A 97 -1.85 25.79 1.55
N ASP A 98 -0.99 26.00 2.55
CA ASP A 98 -0.88 27.29 3.23
C ASP A 98 0.53 27.64 3.66
N ALA A 99 1.51 26.76 3.48
CA ALA A 99 2.89 27.00 3.89
C ALA A 99 3.82 26.52 2.80
N SER A 100 5.13 26.59 3.06
CA SER A 100 6.14 26.07 2.14
C SER A 100 7.49 26.00 2.83
N TYR A 101 8.19 24.87 2.70
CA TYR A 101 9.41 24.60 3.44
C TYR A 101 10.54 24.27 2.47
N GLU A 102 11.76 24.63 2.86
CA GLU A 102 12.95 24.36 2.06
C GLU A 102 13.78 23.27 2.72
N ALA A 103 14.36 22.41 1.90
CA ALA A 103 15.23 21.35 2.42
C ALA A 103 16.32 21.05 1.41
N LYS A 104 17.42 20.50 1.92
CA LYS A 104 18.49 20.05 1.04
C LYS A 104 18.16 18.71 0.42
N THR A 105 17.34 17.87 1.08
CA THR A 105 16.91 16.60 0.55
C THR A 105 15.43 16.38 0.81
N VAL A 106 14.76 15.76 -0.16
CA VAL A 106 13.38 15.33 -0.06
C VAL A 106 13.34 13.82 -0.19
N ILE A 107 12.67 13.16 0.76
CA ILE A 107 12.41 11.73 0.67
C ILE A 107 10.91 11.54 0.50
N ILE A 108 10.51 10.94 -0.62
CA ILE A 108 9.11 10.75 -0.95
C ILE A 108 8.66 9.40 -0.41
N ALA A 109 7.71 9.42 0.53
CA ALA A 109 7.23 8.22 1.20
C ALA A 109 5.71 8.25 1.29
N THR A 110 5.06 8.73 0.23
CA THR A 110 3.61 8.91 0.23
C THR A 110 2.85 7.62 -0.01
N GLY A 111 3.53 6.53 -0.34
CA GLY A 111 2.89 5.24 -0.51
C GLY A 111 1.89 5.23 -1.65
N ALA A 112 0.91 4.34 -1.53
CA ALA A 112 -0.14 4.19 -2.53
C ALA A 112 -1.48 4.02 -1.81
N LYS A 113 -2.53 3.80 -2.61
CA LYS A 113 -3.85 3.55 -2.07
C LYS A 113 -4.51 2.44 -2.87
N TYR A 114 -5.05 1.46 -2.17
CA TYR A 114 -5.79 0.36 -2.80
C TYR A 114 -7.08 0.91 -3.42
N ARG A 115 -7.24 0.72 -4.73
CA ARG A 115 -8.51 1.07 -5.34
C ARG A 115 -9.62 0.20 -4.77
N VAL A 116 -10.83 0.74 -4.73
CA VAL A 116 -11.96 0.07 -4.08
C VAL A 116 -13.01 -0.28 -5.13
N LEU A 117 -14.02 -1.02 -4.69
CA LEU A 117 -15.06 -1.52 -5.57
C LEU A 117 -16.32 -0.66 -5.62
N GLY A 118 -16.58 0.12 -4.57
CA GLY A 118 -17.79 0.91 -4.50
C GLY A 118 -19.00 0.14 -4.02
N VAL A 119 -18.81 -0.81 -3.12
CA VAL A 119 -19.88 -1.72 -2.70
C VAL A 119 -20.19 -1.46 -1.23
N PRO A 120 -21.47 -1.40 -0.84
CA PRO A 120 -21.81 -1.21 0.58
C PRO A 120 -21.43 -2.45 1.38
N GLY A 121 -20.68 -2.23 2.46
CA GLY A 121 -20.18 -3.29 3.29
C GLY A 121 -18.71 -3.62 3.08
N GLU A 122 -18.15 -3.21 1.94
CA GLU A 122 -16.72 -3.43 1.71
C GLU A 122 -15.89 -2.50 2.59
N GLU A 123 -16.26 -1.22 2.66
CA GLU A 123 -15.64 -0.34 3.64
C GLU A 123 -15.77 -0.91 5.04
N TYR A 124 -16.97 -1.38 5.37
CA TYR A 124 -17.27 -1.78 6.74
C TYR A 124 -16.39 -2.94 7.19
N TYR A 125 -16.34 -4.02 6.41
CA TYR A 125 -15.62 -5.23 6.80
C TYR A 125 -14.19 -5.27 6.26
N THR A 126 -13.62 -4.12 5.90
CA THR A 126 -12.25 -4.06 5.44
C THR A 126 -11.30 -4.53 6.54
N SER A 127 -10.41 -5.46 6.19
CA SER A 127 -9.49 -6.11 7.12
C SER A 127 -10.23 -6.89 8.22
N ARG A 128 -11.48 -7.26 7.96
CA ARG A 128 -12.25 -8.13 8.84
C ARG A 128 -12.97 -9.20 8.04
N GLY A 129 -12.43 -9.54 6.88
CA GLY A 129 -13.09 -10.41 5.93
C GLY A 129 -12.92 -9.87 4.53
N VAL A 130 -12.81 -8.55 4.43
CA VAL A 130 -12.44 -7.88 3.19
C VAL A 130 -10.95 -7.56 3.25
N SER A 131 -10.25 -7.85 2.17
CA SER A 131 -8.81 -7.63 2.13
C SER A 131 -8.40 -7.35 0.69
N TYR A 132 -7.38 -6.51 0.53
CA TYR A 132 -6.81 -6.22 -0.78
C TYR A 132 -5.40 -6.78 -0.92
N CYS A 133 -5.04 -7.76 -0.08
CA CYS A 133 -3.65 -8.20 0.02
C CYS A 133 -3.63 -9.65 0.47
N ALA A 134 -3.39 -10.57 -0.47
CA ALA A 134 -3.36 -11.99 -0.14
C ALA A 134 -2.11 -12.35 0.66
N VAL A 135 -0.96 -11.80 0.28
CA VAL A 135 0.27 -11.98 1.04
C VAL A 135 0.11 -11.47 2.47
N CYS A 136 -0.85 -10.56 2.67
CA CYS A 136 -1.00 -9.85 3.93
C CYS A 136 -1.85 -10.64 4.94
N ASP A 137 -3.09 -10.95 4.59
CA ASP A 137 -4.02 -11.61 5.50
C ASP A 137 -4.45 -12.99 5.01
N GLY A 138 -3.85 -13.52 3.95
CA GLY A 138 -4.25 -14.81 3.44
C GLY A 138 -4.06 -15.94 4.42
N ALA A 139 -3.04 -15.86 5.26
CA ALA A 139 -2.75 -16.89 6.26
C ALA A 139 -3.72 -16.87 7.44
N PHE A 140 -4.63 -15.90 7.51
CA PHE A 140 -5.62 -15.85 8.59
C PHE A 140 -6.84 -16.70 8.28
N PHE A 141 -7.12 -16.96 7.02
CA PHE A 141 -8.36 -17.61 6.58
C PHE A 141 -8.11 -19.05 6.17
N ARG A 142 -7.39 -19.78 7.01
CA ARG A 142 -7.06 -21.17 6.73
C ARG A 142 -8.30 -22.05 6.77
N ASP A 143 -8.47 -22.86 5.72
CA ASP A 143 -9.54 -23.87 5.66
C ASP A 143 -10.93 -23.24 5.68
N GLN A 144 -11.07 -22.09 5.03
CA GLN A 144 -12.35 -21.41 4.89
C GLN A 144 -12.65 -21.19 3.42
N ASP A 145 -13.77 -20.54 3.13
CA ASP A 145 -14.15 -20.23 1.76
C ASP A 145 -13.94 -18.75 1.49
N LEU A 146 -13.30 -18.46 0.36
CA LEU A 146 -12.83 -17.14 0.01
C LEU A 146 -13.36 -16.78 -1.38
N LEU A 147 -13.67 -15.50 -1.55
CA LEU A 147 -14.13 -14.95 -2.81
C LEU A 147 -13.08 -13.97 -3.32
N VAL A 148 -12.69 -14.11 -4.58
CA VAL A 148 -11.71 -13.24 -5.21
C VAL A 148 -12.41 -12.44 -6.29
N VAL A 149 -12.24 -11.11 -6.27
CA VAL A 149 -12.90 -10.25 -7.26
C VAL A 149 -11.90 -9.82 -8.31
N GLY A 150 -12.23 -10.04 -9.57
CA GLY A 150 -11.39 -9.65 -10.68
C GLY A 150 -11.26 -10.76 -11.72
N GLY A 151 -10.60 -10.41 -12.82
CA GLY A 151 -10.40 -11.34 -13.91
C GLY A 151 -9.10 -11.15 -14.66
N GLY A 152 -8.19 -10.35 -14.10
CA GLY A 152 -6.88 -10.15 -14.69
C GLY A 152 -5.86 -11.10 -14.10
N ASP A 153 -4.58 -10.78 -14.35
CA ASP A 153 -3.50 -11.56 -13.78
C ASP A 153 -3.53 -11.52 -12.26
N SER A 154 -3.80 -10.34 -11.69
CA SER A 154 -3.77 -10.16 -10.25
C SER A 154 -4.77 -11.07 -9.55
N ALA A 155 -6.01 -11.09 -10.03
CA ALA A 155 -7.06 -11.88 -9.38
C ALA A 155 -6.74 -13.37 -9.46
N VAL A 156 -6.33 -13.84 -10.63
CA VAL A 156 -6.07 -15.27 -10.80
C VAL A 156 -4.90 -15.71 -9.93
N GLU A 157 -3.76 -15.02 -10.05
CA GLU A 157 -2.58 -15.43 -9.30
C GLU A 157 -2.80 -15.30 -7.80
N GLU A 158 -3.46 -14.22 -7.37
CA GLU A 158 -3.77 -14.08 -5.94
C GLU A 158 -4.74 -15.18 -5.48
N ALA A 159 -5.59 -15.65 -6.38
CA ALA A 159 -6.51 -16.74 -6.03
C ALA A 159 -5.75 -18.05 -5.80
N ILE A 160 -4.90 -18.45 -6.76
CA ILE A 160 -4.21 -19.72 -6.56
C ILE A 160 -3.18 -19.60 -5.43
N TYR A 161 -2.70 -18.39 -5.15
CA TYR A 161 -1.92 -18.22 -3.92
C TYR A 161 -2.81 -18.46 -2.70
N LEU A 162 -4.06 -18.01 -2.77
CA LEU A 162 -4.99 -18.22 -1.65
C LEU A 162 -5.36 -19.68 -1.48
N THR A 163 -5.20 -20.51 -2.52
CA THR A 163 -5.44 -21.94 -2.35
C THR A 163 -4.51 -22.58 -1.33
N GLN A 164 -3.41 -21.90 -0.97
CA GLN A 164 -2.47 -22.44 0.01
C GLN A 164 -3.02 -22.43 1.43
N PHE A 165 -4.16 -21.77 1.66
CA PHE A 165 -4.78 -21.74 2.98
C PHE A 165 -6.23 -22.15 2.96
N ALA A 166 -7.01 -21.68 1.99
CA ALA A 166 -8.45 -21.88 1.98
C ALA A 166 -8.80 -23.28 1.49
N LYS A 167 -10.01 -23.72 1.85
CA LYS A 167 -10.54 -24.97 1.33
C LYS A 167 -11.07 -24.80 -0.09
N LYS A 168 -11.62 -23.64 -0.41
CA LYS A 168 -12.11 -23.35 -1.75
C LYS A 168 -11.94 -21.86 -2.02
N VAL A 169 -11.67 -21.54 -3.28
CA VAL A 169 -11.58 -20.16 -3.74
C VAL A 169 -12.41 -20.04 -5.01
N THR A 170 -13.43 -19.20 -4.97
CA THR A 170 -14.24 -18.88 -6.14
C THR A 170 -13.96 -17.44 -6.52
N VAL A 171 -13.79 -17.17 -7.82
CA VAL A 171 -13.57 -15.79 -8.26
C VAL A 171 -14.81 -15.33 -9.00
N VAL A 172 -15.19 -14.10 -8.74
CA VAL A 172 -16.24 -13.44 -9.50
C VAL A 172 -15.60 -12.63 -10.61
N HIS A 173 -16.31 -12.49 -11.72
CA HIS A 173 -15.91 -11.57 -12.76
C HIS A 173 -17.13 -11.24 -13.61
N ARG A 174 -17.22 -9.99 -14.05
CA ARG A 174 -18.37 -9.47 -14.79
C ARG A 174 -18.38 -9.89 -16.27
N ARG A 175 -17.63 -10.92 -16.65
CA ARG A 175 -17.59 -11.36 -18.03
C ARG A 175 -17.51 -12.87 -18.08
N ASP A 176 -17.63 -13.41 -19.30
CA ASP A 176 -17.60 -14.86 -19.52
C ASP A 176 -16.20 -15.37 -19.87
N GLN A 177 -15.24 -14.48 -20.08
CA GLN A 177 -13.86 -14.87 -20.36
C GLN A 177 -12.92 -14.15 -19.40
N LEU A 178 -11.76 -14.75 -19.20
CA LEU A 178 -10.69 -14.11 -18.43
C LEU A 178 -9.79 -13.33 -19.36
N ARG A 179 -9.30 -12.18 -18.89
CA ARG A 179 -8.34 -11.39 -19.63
C ARG A 179 -6.90 -11.68 -19.22
N ALA A 180 -6.70 -12.70 -18.39
CA ALA A 180 -5.37 -13.05 -17.92
C ALA A 180 -4.61 -13.86 -18.97
N GLN A 181 -3.34 -14.10 -18.70
CA GLN A 181 -2.52 -14.95 -19.56
C GLN A 181 -3.10 -16.36 -19.60
N LYS A 182 -2.97 -17.01 -20.75
CA LYS A 182 -3.52 -18.36 -20.90
C LYS A 182 -2.80 -19.36 -20.00
N ILE A 183 -1.54 -19.09 -19.66
CA ILE A 183 -0.80 -19.99 -18.78
C ILE A 183 -1.40 -19.98 -17.38
N LEU A 184 -1.72 -18.81 -16.86
CA LEU A 184 -2.32 -18.73 -15.54
C LEU A 184 -3.79 -19.15 -15.56
N GLN A 185 -4.48 -18.93 -16.68
CA GLN A 185 -5.83 -19.46 -16.83
C GLN A 185 -5.80 -20.98 -16.73
N ASP A 186 -4.92 -21.63 -17.50
CA ASP A 186 -4.80 -23.08 -17.44
C ASP A 186 -4.41 -23.54 -16.03
N ARG A 187 -3.47 -22.82 -15.40
CA ARG A 187 -3.06 -23.17 -14.04
C ARG A 187 -4.23 -23.09 -13.07
N ALA A 188 -5.11 -22.11 -13.26
CA ALA A 188 -6.28 -21.98 -12.39
C ALA A 188 -7.27 -23.10 -12.64
N PHE A 189 -7.66 -23.30 -13.91
CA PHE A 189 -8.59 -24.38 -14.23
C PHE A 189 -8.07 -25.72 -13.76
N ALA A 190 -6.74 -25.87 -13.66
CA ALA A 190 -6.16 -27.14 -13.23
C ALA A 190 -6.26 -27.35 -11.72
N ASN A 191 -6.23 -26.28 -10.93
CA ASN A 191 -6.29 -26.43 -9.48
C ASN A 191 -7.71 -26.81 -9.05
N ASP A 192 -7.79 -27.78 -8.14
CA ASP A 192 -9.09 -28.28 -7.71
C ASP A 192 -9.84 -27.25 -6.87
N LYS A 193 -9.12 -26.52 -6.01
CA LYS A 193 -9.73 -25.69 -4.98
C LYS A 193 -10.25 -24.36 -5.50
N VAL A 194 -10.18 -24.09 -6.80
CA VAL A 194 -10.65 -22.84 -7.36
C VAL A 194 -11.76 -23.14 -8.37
N ASP A 195 -12.88 -22.44 -8.21
CA ASP A 195 -13.96 -22.37 -9.20
C ASP A 195 -14.35 -20.91 -9.36
N PHE A 196 -15.16 -20.64 -10.39
CA PHE A 196 -15.41 -19.28 -10.82
C PHE A 196 -16.89 -19.08 -11.15
N ILE A 197 -17.34 -17.84 -10.98
CA ILE A 197 -18.71 -17.42 -11.24
C ILE A 197 -18.64 -16.32 -12.30
N TRP A 198 -19.14 -16.62 -13.50
CA TRP A 198 -18.96 -15.73 -14.63
C TRP A 198 -20.17 -14.81 -14.81
N ASP A 199 -19.92 -13.67 -15.46
CA ASP A 199 -20.97 -12.69 -15.79
C ASP A 199 -21.69 -12.21 -14.53
N SER A 200 -20.91 -11.89 -13.49
CA SER A 200 -21.47 -11.52 -12.21
C SER A 200 -20.64 -10.41 -11.58
N VAL A 201 -21.29 -9.66 -10.68
CA VAL A 201 -20.68 -8.54 -9.97
C VAL A 201 -21.07 -8.66 -8.51
N VAL A 202 -20.12 -8.34 -7.61
CA VAL A 202 -20.44 -8.27 -6.20
C VAL A 202 -21.45 -7.17 -5.97
N LYS A 203 -22.58 -7.52 -5.33
CA LYS A 203 -23.59 -6.53 -5.01
C LYS A 203 -23.38 -5.95 -3.61
N GLU A 204 -23.26 -6.81 -2.59
CA GLU A 204 -23.07 -6.25 -1.25
C GLU A 204 -22.42 -7.28 -0.34
N ILE A 205 -21.56 -6.82 0.56
CA ILE A 205 -20.86 -7.68 1.50
C ILE A 205 -21.55 -7.60 2.85
N GLN A 206 -21.84 -8.77 3.44
CA GLN A 206 -22.61 -8.87 4.67
C GLN A 206 -21.91 -9.78 5.67
N GLY A 207 -22.07 -9.45 6.94
CA GLY A 207 -21.50 -10.23 8.02
C GLY A 207 -22.22 -9.98 9.32
N ASN A 208 -21.53 -10.21 10.43
CA ASN A 208 -22.08 -10.07 11.77
C ASN A 208 -21.39 -8.98 12.56
N ASP A 209 -20.97 -7.92 11.88
CA ASP A 209 -20.22 -6.78 12.41
C ASP A 209 -18.82 -7.17 12.89
N ILE A 210 -18.49 -8.46 12.89
CA ILE A 210 -17.16 -8.95 13.28
C ILE A 210 -16.41 -9.49 12.06
N LYS A 211 -16.94 -10.52 11.42
CA LYS A 211 -16.34 -11.15 10.26
C LYS A 211 -17.26 -11.01 9.06
N VAL A 212 -16.72 -11.29 7.88
CA VAL A 212 -17.55 -11.45 6.69
C VAL A 212 -18.17 -12.83 6.73
N SER A 213 -19.49 -12.89 6.56
CA SER A 213 -20.19 -14.15 6.56
C SER A 213 -20.78 -14.52 5.21
N ASN A 214 -21.16 -13.55 4.38
CA ASN A 214 -21.78 -13.85 3.10
C ASN A 214 -21.70 -12.63 2.20
N VAL A 215 -21.92 -12.85 0.91
CA VAL A 215 -21.89 -11.80 -0.10
C VAL A 215 -23.06 -12.02 -1.06
N LEU A 216 -23.76 -10.93 -1.37
CA LEU A 216 -24.79 -10.93 -2.41
C LEU A 216 -24.13 -10.64 -3.75
N ILE A 217 -24.30 -11.56 -4.70
CA ILE A 217 -23.71 -11.49 -6.04
C ILE A 217 -24.83 -11.31 -7.05
N GLU A 218 -24.72 -10.27 -7.86
CA GLU A 218 -25.67 -9.99 -8.94
C GLU A 218 -25.09 -10.44 -10.27
N ASN A 219 -25.95 -10.97 -11.14
CA ASN A 219 -25.54 -11.37 -12.48
C ASN A 219 -25.80 -10.22 -13.45
N VAL A 220 -24.78 -9.87 -14.22
CA VAL A 220 -24.92 -8.72 -15.13
C VAL A 220 -25.89 -9.04 -16.26
N LYS A 221 -26.00 -10.30 -16.66
CA LYS A 221 -26.86 -10.66 -17.78
C LYS A 221 -28.32 -10.75 -17.35
N THR A 222 -28.61 -11.59 -16.36
CA THR A 222 -30.00 -11.76 -15.91
C THR A 222 -30.46 -10.60 -15.04
N GLY A 223 -29.63 -10.19 -14.08
CA GLY A 223 -30.01 -9.17 -13.13
C GLY A 223 -30.47 -9.68 -11.79
N GLN A 224 -30.54 -10.99 -11.61
CA GLN A 224 -31.01 -11.59 -10.36
C GLN A 224 -29.85 -11.74 -9.38
N VAL A 225 -30.16 -11.56 -8.10
CA VAL A 225 -29.17 -11.61 -7.03
C VAL A 225 -29.26 -12.95 -6.32
N THR A 226 -28.10 -13.54 -6.03
CA THR A 226 -28.04 -14.74 -5.21
C THR A 226 -26.95 -14.58 -4.17
N ASP A 227 -27.25 -15.02 -2.94
CA ASP A 227 -26.34 -14.91 -1.80
C ASP A 227 -25.46 -16.15 -1.74
N HIS A 228 -24.19 -15.95 -1.41
CA HIS A 228 -23.24 -17.04 -1.24
C HIS A 228 -22.49 -16.84 0.08
N ALA A 229 -22.12 -17.95 0.72
CA ALA A 229 -21.46 -17.92 2.02
C ALA A 229 -19.95 -17.94 1.84
N PHE A 230 -19.28 -16.91 2.36
CA PHE A 230 -17.84 -16.78 2.24
C PHE A 230 -17.25 -16.30 3.55
N GLY A 231 -16.19 -16.97 4.00
CA GLY A 231 -15.45 -16.49 5.16
C GLY A 231 -14.62 -15.27 4.85
N GLY A 232 -14.14 -15.15 3.62
CA GLY A 232 -13.35 -13.98 3.27
C GLY A 232 -13.62 -13.49 1.86
N VAL A 233 -13.29 -12.24 1.63
CA VAL A 233 -13.27 -11.65 0.30
C VAL A 233 -11.96 -10.91 0.11
N PHE A 234 -11.32 -11.15 -1.03
CA PHE A 234 -10.10 -10.48 -1.45
C PHE A 234 -10.32 -9.84 -2.80
N ILE A 235 -10.10 -8.53 -2.86
CA ILE A 235 -10.35 -7.71 -4.03
C ILE A 235 -9.04 -7.08 -4.46
N TYR A 236 -8.72 -7.22 -5.73
CA TYR A 236 -7.65 -6.44 -6.34
C TYR A 236 -8.18 -5.82 -7.62
N VAL A 237 -8.24 -4.48 -7.66
CA VAL A 237 -8.70 -3.75 -8.82
C VAL A 237 -7.65 -2.81 -9.37
N GLY A 238 -6.41 -2.89 -8.89
CA GLY A 238 -5.40 -1.90 -9.14
C GLY A 238 -5.08 -1.08 -7.90
N ASN A 240 -3.41 3.08 -6.74
CA ASN A 240 -3.09 4.46 -7.12
C ASN A 240 -1.91 4.96 -6.31
N PRO A 241 -0.73 5.09 -6.89
CA PRO A 241 0.37 5.74 -6.19
C PRO A 241 0.06 7.22 -5.98
N VAL A 242 0.43 7.73 -4.80
CA VAL A 242 0.21 9.13 -4.47
C VAL A 242 1.41 9.90 -5.04
N THR A 243 1.29 10.32 -6.31
CA THR A 243 2.36 11.03 -6.98
C THR A 243 1.83 12.26 -7.72
N GLY A 244 0.73 12.83 -7.24
CA GLY A 244 0.21 14.05 -7.85
C GLY A 244 1.12 15.24 -7.66
N VAL A 246 4.38 15.33 -7.76
CA VAL A 246 5.68 15.20 -8.42
C VAL A 246 5.48 14.98 -9.92
N LYS A 247 4.31 15.39 -10.43
CA LYS A 247 4.07 15.26 -11.86
C LYS A 247 5.06 16.08 -12.68
N ASP A 248 5.51 17.21 -12.14
CA ASP A 248 6.38 18.13 -12.86
C ASP A 248 7.80 17.61 -13.02
N LEU A 249 8.17 16.56 -12.29
CA LEU A 249 9.58 16.22 -12.11
C LEU A 249 10.06 15.08 -13.01
N GLU A 250 9.15 14.40 -13.71
CA GLU A 250 9.50 13.32 -14.64
C GLU A 250 10.30 12.22 -13.94
N ILE A 251 9.91 11.91 -12.70
CA ILE A 251 10.52 10.83 -11.94
C ILE A 251 9.63 9.61 -11.86
N THR A 252 8.42 9.68 -12.41
CA THR A 252 7.45 8.61 -12.38
C THR A 252 7.47 7.83 -13.69
N ASP A 253 6.84 6.66 -13.67
CA ASP A 253 6.65 5.86 -14.88
C ASP A 253 5.28 6.19 -15.48
N SER A 254 4.88 5.42 -16.49
CA SER A 254 3.60 5.68 -17.14
C SER A 254 2.43 5.53 -16.17
N GLU A 255 2.52 4.55 -15.26
CA GLU A 255 1.47 4.35 -14.27
C GLU A 255 1.64 5.24 -13.04
N GLY A 256 2.72 6.02 -12.95
CA GLY A 256 2.87 7.01 -11.91
C GLY A 256 3.70 6.61 -10.71
N TRP A 257 4.36 5.45 -10.75
CA TRP A 257 5.23 5.05 -9.66
C TRP A 257 6.62 5.64 -9.85
N ILE A 258 7.24 6.05 -8.76
CA ILE A 258 8.55 6.71 -8.83
C ILE A 258 9.62 5.69 -9.14
N ILE A 259 10.53 6.06 -10.04
CA ILE A 259 11.64 5.21 -10.43
C ILE A 259 12.85 5.54 -9.58
N THR A 260 13.42 4.53 -8.91
CA THR A 260 14.66 4.67 -8.16
C THR A 260 15.58 3.52 -8.51
N ASP A 261 16.77 3.51 -7.90
CA ASP A 261 17.76 2.46 -8.06
C ASP A 261 17.98 1.77 -6.72
N ASP A 262 19.09 1.02 -6.62
CA ASP A 262 19.44 0.34 -5.38
C ASP A 262 19.45 1.29 -4.18
N HIS A 263 19.81 2.55 -4.40
CA HIS A 263 20.06 3.48 -3.31
C HIS A 263 18.89 4.41 -3.03
N ARG A 265 17.57 6.51 -4.71
CA ARG A 265 17.71 7.85 -5.26
C ARG A 265 17.07 7.94 -6.64
N THR A 266 16.56 9.13 -6.93
CA THR A 266 15.78 9.46 -8.12
C THR A 266 16.70 10.04 -9.20
N SER A 267 16.21 10.08 -10.44
CA SER A 267 16.90 10.80 -11.50
C SER A 267 17.23 12.24 -11.13
N ILE A 268 16.51 12.81 -10.17
CA ILE A 268 16.80 14.17 -9.68
C ILE A 268 17.71 14.03 -8.45
N PRO A 269 18.95 14.53 -8.52
CA PRO A 269 19.85 14.38 -7.37
C PRO A 269 19.31 15.13 -6.16
N GLY A 270 19.34 14.46 -5.01
CA GLY A 270 18.90 15.03 -3.75
C GLY A 270 17.50 14.61 -3.32
N ILE A 271 16.70 14.07 -4.24
CA ILE A 271 15.35 13.63 -3.94
C ILE A 271 15.32 12.11 -4.02
N PHE A 272 14.75 11.48 -3.00
CA PHE A 272 14.66 10.03 -2.89
C PHE A 272 13.21 9.62 -2.77
N ALA A 273 12.94 8.36 -3.10
CA ALA A 273 11.63 7.76 -2.93
C ALA A 273 11.78 6.42 -2.25
N ILE A 274 10.86 6.13 -1.32
CA ILE A 274 10.91 4.89 -0.56
C ILE A 274 9.51 4.34 -0.38
N GLY A 275 9.45 3.06 -0.05
CA GLY A 275 8.19 2.42 0.26
C GLY A 275 7.40 2.05 -0.98
N ASP A 276 6.08 2.11 -0.84
CA ASP A 276 5.14 1.62 -1.83
C ASP A 276 4.89 2.59 -2.97
N VAL A 277 5.23 3.87 -2.79
CA VAL A 277 5.19 4.83 -3.89
C VAL A 277 6.17 4.48 -4.99
N ARG A 278 7.00 3.46 -4.77
CA ARG A 278 8.08 3.07 -5.66
C ARG A 278 7.60 2.06 -6.70
N GLN A 279 8.37 1.97 -7.79
CA GLN A 279 8.29 0.83 -8.70
C GLN A 279 8.93 -0.38 -8.02
N LYS A 280 8.11 -1.32 -7.58
CA LYS A 280 8.62 -2.52 -6.93
C LYS A 280 7.54 -3.59 -6.96
N ASP A 281 7.92 -4.79 -6.53
CA ASP A 281 7.04 -5.96 -6.59
C ASP A 281 6.40 -6.30 -5.25
N LEU A 282 7.17 -6.40 -4.19
CA LEU A 282 6.66 -6.78 -2.88
C LEU A 282 6.53 -5.53 -2.02
N ARG A 283 5.30 -5.21 -1.64
CA ARG A 283 5.00 -3.99 -0.88
C ARG A 283 4.56 -4.38 0.53
N GLN A 284 5.51 -4.35 1.46
CA GLN A 284 5.28 -4.78 2.84
C GLN A 284 5.96 -3.80 3.78
N ILE A 285 5.62 -3.91 5.07
CA ILE A 285 6.27 -3.07 6.07
C ILE A 285 7.77 -3.38 6.13
N THR A 286 8.15 -4.63 5.85
CA THR A 286 9.54 -5.06 5.92
C THR A 286 10.37 -4.48 4.77
N THR A 287 9.74 -4.38 3.60
CA THR A 287 10.33 -3.72 2.44
C THR A 287 10.38 -2.22 2.65
N ALA A 288 9.31 -1.61 3.15
CA ALA A 288 9.34 -0.17 3.45
C ALA A 288 10.38 0.16 4.50
N VAL A 289 10.69 -0.80 5.37
CA VAL A 289 11.66 -0.56 6.43
C VAL A 289 13.08 -0.65 5.90
N GLY A 290 13.44 -1.74 5.21
CA GLY A 290 14.64 -1.70 4.39
C GLY A 290 14.84 -0.42 3.57
N ASP A 291 13.83 -0.07 2.74
CA ASP A 291 13.91 1.11 1.90
C ASP A 291 14.18 2.37 2.72
N GLY A 292 13.35 2.62 3.73
CA GLY A 292 13.49 3.81 4.54
C GLY A 292 14.86 3.90 5.19
N ALA A 293 15.37 2.78 5.70
CA ALA A 293 16.73 2.79 6.25
C ALA A 293 17.74 3.22 5.19
N ILE A 294 17.62 2.69 3.98
CA ILE A 294 18.58 3.03 2.93
C ILE A 294 18.54 4.53 2.61
N ALA A 295 17.35 5.11 2.49
CA ALA A 295 17.29 6.53 2.16
C ALA A 295 17.77 7.40 3.33
N GLY A 296 17.31 7.07 4.54
CA GLY A 296 17.73 7.85 5.70
C GLY A 296 19.23 7.86 5.90
N GLN A 297 19.88 6.72 5.64
CA GLN A 297 21.34 6.71 5.77
C GLN A 297 22.03 7.33 4.56
N GLY A 298 21.38 7.29 3.38
CA GLY A 298 21.98 7.89 2.21
C GLY A 298 21.94 9.40 2.20
N VAL A 299 21.00 9.99 2.94
CA VAL A 299 20.95 11.45 3.07
C VAL A 299 22.28 11.99 3.58
N TYR A 300 22.84 11.34 4.61
CA TYR A 300 24.12 11.81 5.15
C TYR A 300 25.21 11.78 4.10
N HIS A 301 25.29 10.72 3.31
CA HIS A 301 26.33 10.61 2.29
C HIS A 301 26.17 11.71 1.25
N TYR A 302 24.95 11.91 0.75
CA TYR A 302 24.71 12.97 -0.23
C TYR A 302 25.10 14.32 0.34
N LEU A 303 24.78 14.60 1.60
CA LEU A 303 25.12 15.88 2.19
C LEU A 303 26.63 16.02 2.38
N GLU A 304 27.30 14.95 2.79
CA GLU A 304 28.74 15.03 3.05
C GLU A 304 29.50 15.28 1.76
N SER A 305 29.13 14.61 0.66
CA SER A 305 29.84 14.83 -0.59
C SER A 305 29.45 16.16 -1.24
N PHE A 306 29.37 17.21 -0.43
CA PHE A 306 28.99 18.54 -0.91
C PHE A 306 30.00 19.59 -0.50
#